data_6G5U
#
_entry.id   6G5U
#
_cell.length_a   55.790
_cell.length_b   58.305
_cell.length_c   160.754
_cell.angle_alpha   90.000
_cell.angle_beta   90.000
_cell.angle_gamma   90.000
#
_symmetry.space_group_name_H-M   'P 21 21 21'
#
loop_
_entity.id
_entity.type
_entity.pdbx_description
1 polymer 'Carbonic anhydrase 13'
2 non-polymer 'ZINC ION'
3 non-polymer ~{N}-butyl-2,4-bis(chloranyl)-5-sulfamoyl-benzamide
4 non-polymer 1,2-ETHANEDIOL
5 non-polymer 'CITRIC ACID'
6 water water
#
_entity_poly.entity_id   1
_entity_poly.type   'polypeptide(L)'
_entity_poly.pdbx_seq_one_letter_code
;MMSRLSWGYREHNGPIHWKEFFPIADGDQQSPIEIKTKEVKYDSSLRPLSIKYDPSSAKIISNSGHSFNVDFDDTENKSV
LRGGPLTGSYRLRQVHLHWGSADDHGSEHIVDGVSYAAELHVVHWNSDKYPSFVEAAHEPDGLAVLGVFLQIGEPNSQLQ
KITDTLDSIKEKGKQTRFTNFDLLSLLPPSWDYWTYPGSLTVPPLLESVTWIVLKQPINISSQQLAKFRSLLCTAEGEAA
AFLVSNHRPPQPLKGRKVRASFH
;
_entity_poly.pdbx_strand_id   B,A
#
# COMPACT_ATOMS: atom_id res chain seq x y z
N SER A 6 -26.44 27.99 11.26
CA SER A 6 -25.16 27.29 10.99
C SER A 6 -25.27 26.58 9.62
N TRP A 7 -24.13 26.40 8.96
CA TRP A 7 -24.10 25.86 7.62
C TRP A 7 -24.67 24.46 7.45
N GLY A 8 -25.12 24.16 6.23
CA GLY A 8 -25.68 22.83 5.95
C GLY A 8 -25.79 22.66 4.44
N TYR A 9 -26.82 21.92 4.01
CA TYR A 9 -27.03 21.68 2.59
C TYR A 9 -28.48 21.97 2.19
N ARG A 10 -29.21 22.67 3.10
CA ARG A 10 -30.60 23.05 2.87
C ARG A 10 -30.62 24.35 2.04
N GLU A 11 -31.81 24.81 1.65
CA GLU A 11 -31.93 26.01 0.82
C GLU A 11 -31.16 27.23 1.34
N HIS A 12 -31.38 27.61 2.60
CA HIS A 12 -30.84 28.88 3.10
C HIS A 12 -29.48 28.74 3.69
N ASN A 13 -29.04 27.51 3.95
CA ASN A 13 -27.72 27.40 4.56
C ASN A 13 -26.75 26.62 3.71
N GLY A 14 -27.18 26.25 2.50
CA GLY A 14 -26.34 25.38 1.63
C GLY A 14 -25.17 26.02 0.94
N PRO A 15 -24.50 25.25 0.05
CA PRO A 15 -23.24 25.63 -0.58
C PRO A 15 -23.19 27.05 -1.18
N ILE A 16 -24.26 27.45 -1.89
CA ILE A 16 -24.33 28.79 -2.47
C ILE A 16 -24.18 29.94 -1.46
N HIS A 17 -24.52 29.68 -0.19
CA HIS A 17 -24.51 30.69 0.89
C HIS A 17 -23.28 30.56 1.75
N TRP A 18 -22.44 29.54 1.52
CA TRP A 18 -21.29 29.41 2.41
C TRP A 18 -20.35 30.61 2.41
N LYS A 19 -20.19 31.20 1.24
CA LYS A 19 -19.35 32.43 1.08
C LYS A 19 -19.82 33.52 2.06
N GLU A 20 -21.07 33.48 2.50
CA GLU A 20 -21.56 34.54 3.41
C GLU A 20 -20.78 34.53 4.72
N PHE A 21 -20.58 33.35 5.31
CA PHE A 21 -19.84 33.23 6.58
C PHE A 21 -18.36 32.76 6.43
N PHE A 22 -17.98 32.20 5.27
CA PHE A 22 -16.57 31.73 5.03
C PHE A 22 -16.16 32.20 3.66
N PRO A 23 -15.59 33.42 3.58
CA PRO A 23 -15.24 34.06 2.31
C PRO A 23 -14.29 33.26 1.48
N ILE A 24 -13.50 32.38 2.13
CA ILE A 24 -12.58 31.55 1.36
C ILE A 24 -13.33 30.63 0.35
N ALA A 25 -14.66 30.49 0.52
CA ALA A 25 -15.45 29.75 -0.43
C ALA A 25 -15.25 30.13 -1.87
N ASP A 26 -14.88 31.40 -2.13
CA ASP A 26 -14.56 31.86 -3.47
C ASP A 26 -13.09 31.93 -3.76
N GLY A 27 -12.28 31.17 -3.04
CA GLY A 27 -10.82 31.18 -3.27
C GLY A 27 -10.34 30.50 -4.54
N ASP A 28 -9.01 30.47 -4.72
CA ASP A 28 -8.42 29.97 -5.93
C ASP A 28 -8.02 28.51 -5.76
N GLN A 29 -8.17 27.94 -4.55
CA GLN A 29 -7.79 26.51 -4.43
C GLN A 29 -8.93 25.73 -3.78
N GLN A 30 -10.14 25.88 -4.33
CA GLN A 30 -11.33 25.25 -3.72
C GLN A 30 -11.65 23.89 -4.33
N SER A 31 -12.30 23.06 -3.51
CA SER A 31 -12.67 21.68 -3.86
C SER A 31 -14.15 21.46 -3.59
N PRO A 32 -14.76 20.49 -4.27
CA PRO A 32 -14.19 19.60 -5.23
C PRO A 32 -14.16 20.19 -6.65
N ILE A 33 -13.73 19.37 -7.60
CA ILE A 33 -13.56 19.80 -8.99
C ILE A 33 -14.02 18.74 -10.00
N GLU A 34 -14.24 19.25 -11.20
N GLU A 34 -14.27 19.21 -11.22
CA GLU A 34 -14.32 18.49 -12.44
CA GLU A 34 -14.40 18.36 -12.38
C GLU A 34 -12.95 17.97 -12.86
C GLU A 34 -13.02 17.95 -12.87
N ILE A 35 -12.83 16.64 -13.03
CA ILE A 35 -11.55 16.07 -13.51
C ILE A 35 -11.78 15.71 -14.96
N LYS A 36 -11.19 16.54 -15.84
CA LYS A 36 -11.29 16.27 -17.29
C LYS A 36 -10.02 15.55 -17.68
N THR A 37 -10.13 14.25 -17.85
CA THR A 37 -8.98 13.37 -18.05
C THR A 37 -8.05 13.76 -19.20
N LYS A 38 -8.62 14.31 -20.27
N LYS A 38 -8.62 14.33 -20.27
CA LYS A 38 -7.76 14.75 -21.39
CA LYS A 38 -7.78 14.76 -21.39
C LYS A 38 -6.83 15.91 -20.98
C LYS A 38 -6.83 15.91 -20.99
N GLU A 39 -7.18 16.64 -19.92
CA GLU A 39 -6.35 17.76 -19.42
C GLU A 39 -5.52 17.37 -18.23
N VAL A 40 -5.60 16.11 -17.84
CA VAL A 40 -4.76 15.65 -16.70
C VAL A 40 -3.37 15.39 -17.19
N LYS A 41 -2.36 15.74 -16.40
CA LYS A 41 -0.98 15.47 -16.83
C LYS A 41 -0.45 14.25 -16.07
N TYR A 42 -0.10 13.17 -16.79
CA TYR A 42 0.65 12.08 -16.14
C TYR A 42 2.00 12.61 -15.55
N ASP A 43 2.35 12.26 -14.31
CA ASP A 43 3.62 12.75 -13.77
C ASP A 43 4.36 11.57 -13.18
N SER A 44 5.43 11.18 -13.90
CA SER A 44 6.23 10.00 -13.54
C SER A 44 6.98 10.15 -12.20
N SER A 45 7.08 11.38 -11.67
CA SER A 45 7.75 11.64 -10.43
C SER A 45 6.80 11.42 -9.23
N LEU A 46 5.49 11.28 -9.47
CA LEU A 46 4.54 10.96 -8.37
C LEU A 46 4.96 9.57 -7.83
N ARG A 47 4.66 9.28 -6.57
CA ARG A 47 5.03 7.95 -6.05
C ARG A 47 3.79 7.15 -5.76
N PRO A 48 3.99 5.84 -5.63
CA PRO A 48 2.85 5.06 -5.26
C PRO A 48 2.37 5.36 -3.87
N LEU A 49 1.06 5.23 -3.67
CA LEU A 49 0.51 5.32 -2.30
C LEU A 49 0.97 4.11 -1.47
N SER A 50 1.23 4.39 -0.20
CA SER A 50 1.60 3.33 0.74
C SER A 50 0.76 3.54 2.03
N ILE A 51 -0.11 2.57 2.36
CA ILE A 51 -1.12 2.74 3.35
C ILE A 51 -0.98 1.74 4.48
N LYS A 52 -1.12 2.22 5.70
CA LYS A 52 -1.19 1.29 6.85
C LYS A 52 -2.34 1.77 7.70
N TYR A 53 -3.43 1.00 7.71
CA TYR A 53 -4.61 1.32 8.52
C TYR A 53 -4.87 0.26 9.54
N ASP A 54 -4.67 0.62 10.84
CA ASP A 54 -4.84 -0.36 11.97
C ASP A 54 -6.34 -0.44 12.28
N PRO A 55 -6.95 -1.64 12.22
CA PRO A 55 -8.39 -1.70 12.43
C PRO A 55 -8.77 -1.30 13.87
N SER A 56 -7.78 -1.31 14.80
CA SER A 56 -8.09 -0.82 16.15
C SER A 56 -8.14 0.72 16.27
N SER A 57 -7.77 1.45 15.20
CA SER A 57 -7.69 2.86 15.28
C SER A 57 -9.09 3.49 15.36
N ALA A 58 -10.08 2.92 14.70
CA ALA A 58 -11.44 3.50 14.78
C ALA A 58 -11.97 3.39 16.21
N LYS A 59 -12.59 4.46 16.70
CA LYS A 59 -13.15 4.46 18.07
C LYS A 59 -14.64 4.75 18.11
N ILE A 60 -15.15 5.68 17.28
CA ILE A 60 -16.53 6.19 17.47
C ILE A 60 -17.09 6.53 16.13
N ILE A 61 -18.36 6.19 15.90
CA ILE A 61 -19.05 6.69 14.73
C ILE A 61 -20.17 7.60 15.24
N SER A 62 -20.35 8.70 14.55
CA SER A 62 -21.33 9.74 15.00
C SER A 62 -21.99 10.36 13.84
N ASN A 63 -23.14 10.94 14.10
CA ASN A 63 -23.82 11.85 13.15
C ASN A 63 -23.45 13.29 13.48
N SER A 64 -22.65 13.91 12.58
CA SER A 64 -22.23 15.32 12.76
C SER A 64 -23.33 16.32 12.44
N GLY A 65 -24.41 15.82 11.86
CA GLY A 65 -25.46 16.64 11.23
C GLY A 65 -25.16 16.87 9.76
N HIS A 66 -23.94 16.50 9.27
CA HIS A 66 -23.49 16.76 7.90
C HIS A 66 -23.11 15.48 7.13
N SER A 67 -22.85 14.38 7.84
CA SER A 67 -22.57 13.02 7.33
C SER A 67 -22.44 12.18 8.60
N PHE A 68 -22.07 10.89 8.44
CA PHE A 68 -21.52 10.14 9.59
C PHE A 68 -20.04 10.47 9.65
N ASN A 69 -19.44 10.33 10.83
CA ASN A 69 -18.02 10.62 11.01
C ASN A 69 -17.48 9.46 11.82
N VAL A 70 -16.50 8.73 11.28
CA VAL A 70 -15.80 7.71 12.06
C VAL A 70 -14.57 8.47 12.52
N ASP A 71 -14.41 8.56 13.85
CA ASP A 71 -13.20 9.18 14.43
C ASP A 71 -12.20 8.11 14.80
N PHE A 72 -10.93 8.38 14.54
CA PHE A 72 -9.86 7.41 14.77
C PHE A 72 -8.98 8.05 15.84
N ASP A 73 -8.44 7.18 16.68
CA ASP A 73 -7.46 7.66 17.65
C ASP A 73 -6.16 8.01 16.88
N ASP A 74 -5.75 9.29 16.98
CA ASP A 74 -4.62 9.76 16.24
C ASP A 74 -3.53 10.15 17.25
N THR A 75 -3.44 9.37 18.34
CA THR A 75 -2.37 9.65 19.36
C THR A 75 -0.95 9.45 18.78
N GLU A 76 -0.78 8.42 17.95
CA GLU A 76 0.52 8.25 17.27
C GLU A 76 0.33 7.70 15.86
N ASN A 77 1.34 7.02 15.30
CA ASN A 77 1.30 6.66 13.88
C ASN A 77 0.89 5.24 13.64
N LYS A 78 -0.14 4.73 14.33
CA LYS A 78 -0.62 3.41 14.05
C LYS A 78 -1.25 3.31 12.63
N SER A 79 -1.90 4.37 12.20
CA SER A 79 -2.57 4.39 10.90
C SER A 79 -2.13 5.65 10.15
N VAL A 80 -1.53 5.42 8.98
CA VAL A 80 -0.87 6.50 8.22
C VAL A 80 -1.05 6.30 6.73
N LEU A 81 -0.89 7.39 6.01
CA LEU A 81 -0.79 7.40 4.53
C LEU A 81 0.55 8.03 4.20
N ARG A 82 1.26 7.37 3.31
CA ARG A 82 2.61 7.81 2.88
C ARG A 82 2.70 7.73 1.34
N GLY A 83 3.66 8.44 0.73
CA GLY A 83 3.87 8.21 -0.68
C GLY A 83 2.89 9.08 -1.43
N GLY A 84 2.48 8.67 -2.63
CA GLY A 84 1.60 9.52 -3.47
C GLY A 84 2.34 10.82 -3.79
N PRO A 85 1.65 11.94 -3.75
CA PRO A 85 2.31 13.26 -3.94
C PRO A 85 2.87 13.86 -2.64
N LEU A 86 2.76 13.12 -1.54
CA LEU A 86 3.03 13.64 -0.21
C LEU A 86 4.52 13.58 0.16
N THR A 87 5.00 14.62 0.83
CA THR A 87 6.29 14.51 1.55
C THR A 87 6.02 14.04 2.95
N GLY A 88 6.62 12.92 3.38
CA GLY A 88 6.47 12.54 4.79
C GLY A 88 5.18 11.75 5.05
N SER A 89 4.84 11.61 6.33
CA SER A 89 3.79 10.67 6.73
C SER A 89 2.60 11.46 7.24
N TYR A 90 1.38 11.06 6.80
CA TYR A 90 0.15 11.76 7.13
C TYR A 90 -0.72 10.83 7.93
N ARG A 91 -1.21 11.31 9.07
CA ARG A 91 -1.79 10.43 10.08
C ARG A 91 -3.32 10.41 9.92
N LEU A 92 -3.93 9.22 10.05
CA LEU A 92 -5.41 9.08 9.86
C LEU A 92 -6.21 9.74 11.01
N ARG A 93 -7.18 10.54 10.64
CA ARG A 93 -8.02 11.28 11.61
C ARG A 93 -9.45 10.82 11.61
N GLN A 94 -10.07 10.83 10.42
CA GLN A 94 -11.53 10.61 10.34
C GLN A 94 -11.96 10.18 8.95
N VAL A 95 -13.08 9.45 8.88
CA VAL A 95 -13.69 9.08 7.57
C VAL A 95 -15.14 9.56 7.56
N HIS A 96 -15.62 10.03 6.40
CA HIS A 96 -17.03 10.34 6.25
C HIS A 96 -17.39 10.13 4.76
N LEU A 97 -18.65 10.41 4.38
CA LEU A 97 -19.19 10.03 3.09
C LEU A 97 -20.08 11.14 2.59
N HIS A 98 -20.03 11.38 1.29
CA HIS A 98 -20.98 12.36 0.68
C HIS A 98 -21.84 11.63 -0.33
N TRP A 99 -23.10 12.07 -0.49
CA TRP A 99 -24.05 11.49 -1.42
C TRP A 99 -24.94 12.58 -1.95
N GLY A 100 -25.89 12.22 -2.76
CA GLY A 100 -26.89 13.15 -3.31
C GLY A 100 -28.28 12.52 -3.14
N SER A 101 -29.34 13.27 -3.56
CA SER A 101 -30.68 12.69 -3.48
C SER A 101 -30.95 11.62 -4.54
N ALA A 102 -30.09 11.56 -5.55
CA ALA A 102 -30.25 10.56 -6.65
C ALA A 102 -28.96 9.74 -6.78
N ASP A 103 -29.13 8.47 -7.05
CA ASP A 103 -27.97 7.56 -7.17
C ASP A 103 -27.03 7.87 -8.29
N ASP A 104 -27.37 8.74 -9.25
CA ASP A 104 -26.40 9.03 -10.29
C ASP A 104 -25.84 10.43 -10.18
N HIS A 105 -26.01 11.06 -9.03
CA HIS A 105 -25.44 12.37 -8.86
C HIS A 105 -25.14 12.63 -7.38
N GLY A 106 -24.19 11.87 -6.83
CA GLY A 106 -23.92 11.90 -5.41
C GLY A 106 -22.47 12.30 -5.07
N SER A 107 -21.54 12.11 -6.00
CA SER A 107 -20.10 12.36 -5.61
C SER A 107 -19.79 13.85 -5.65
N GLU A 108 -18.65 14.21 -5.07
CA GLU A 108 -18.19 15.61 -5.06
C GLU A 108 -17.27 15.82 -6.24
N HIS A 109 -16.24 15.00 -6.41
CA HIS A 109 -15.46 15.03 -7.64
C HIS A 109 -16.28 14.37 -8.75
N ILE A 110 -16.05 14.88 -9.95
CA ILE A 110 -16.85 14.43 -11.09
C ILE A 110 -15.79 14.09 -12.18
N VAL A 111 -15.93 12.97 -12.89
CA VAL A 111 -14.88 12.55 -13.83
C VAL A 111 -15.50 12.53 -15.24
N ASP A 112 -15.01 13.44 -16.05
CA ASP A 112 -15.57 13.63 -17.43
C ASP A 112 -17.07 13.69 -17.44
N GLY A 113 -17.60 14.43 -16.47
CA GLY A 113 -19.01 14.63 -16.33
C GLY A 113 -19.75 13.53 -15.64
N VAL A 114 -19.06 12.45 -15.31
CA VAL A 114 -19.74 11.37 -14.58
C VAL A 114 -19.67 11.64 -13.08
N SER A 115 -20.85 11.78 -12.43
CA SER A 115 -20.95 11.81 -10.97
C SER A 115 -21.19 10.39 -10.51
N TYR A 116 -20.49 9.96 -9.46
CA TYR A 116 -20.74 8.62 -8.93
C TYR A 116 -21.88 8.68 -7.92
N ALA A 117 -22.29 7.56 -7.35
CA ALA A 117 -23.40 7.54 -6.43
C ALA A 117 -23.00 8.19 -5.09
N ALA A 118 -21.72 8.09 -4.71
CA ALA A 118 -21.28 8.64 -3.37
C ALA A 118 -19.74 8.76 -3.44
N GLU A 119 -19.19 9.44 -2.43
CA GLU A 119 -17.75 9.58 -2.35
C GLU A 119 -17.34 9.55 -0.92
N LEU A 120 -16.38 8.64 -0.63
CA LEU A 120 -15.88 8.44 0.71
C LEU A 120 -14.62 9.30 0.83
N HIS A 121 -14.51 10.02 1.95
CA HIS A 121 -13.31 10.85 2.23
C HIS A 121 -12.56 10.27 3.42
N VAL A 122 -11.22 10.06 3.24
CA VAL A 122 -10.38 9.56 4.36
C VAL A 122 -9.44 10.71 4.68
N VAL A 123 -9.60 11.35 5.85
CA VAL A 123 -8.89 12.61 6.12
C VAL A 123 -7.63 12.31 7.00
N HIS A 124 -6.49 12.83 6.58
CA HIS A 124 -5.21 12.59 7.30
C HIS A 124 -4.53 13.93 7.52
N TRP A 125 -3.57 13.97 8.45
CA TRP A 125 -2.84 15.21 8.71
C TRP A 125 -1.34 15.02 8.84
N ASN A 126 -0.61 16.09 8.53
CA ASN A 126 0.84 16.01 8.37
C ASN A 126 1.49 16.07 9.77
N SER A 127 1.68 14.92 10.38
CA SER A 127 2.25 14.91 11.74
C SER A 127 3.75 14.99 11.68
N ASP A 128 4.32 14.79 10.51
CA ASP A 128 5.78 14.97 10.38
C ASP A 128 6.19 16.39 10.51
N LYS A 129 5.25 17.33 10.24
CA LYS A 129 5.56 18.75 10.34
C LYS A 129 4.78 19.58 11.30
N TYR A 130 3.59 19.11 11.70
CA TYR A 130 2.71 19.92 12.58
C TYR A 130 2.34 19.11 13.82
N PRO A 131 2.02 19.78 14.94
CA PRO A 131 1.85 18.99 16.19
C PRO A 131 0.45 18.42 16.40
N SER A 132 -0.52 18.89 15.62
CA SER A 132 -1.87 18.42 15.81
C SER A 132 -2.63 18.61 14.50
N PHE A 133 -3.76 17.88 14.41
CA PHE A 133 -4.72 18.01 13.33
C PHE A 133 -5.12 19.45 13.19
N VAL A 134 -5.48 20.09 14.31
CA VAL A 134 -6.03 21.44 14.22
C VAL A 134 -5.04 22.42 13.65
N GLU A 135 -3.77 22.34 14.04
CA GLU A 135 -2.74 23.20 13.45
C GLU A 135 -2.47 22.90 11.96
N ALA A 136 -2.47 21.59 11.61
CA ALA A 136 -2.17 21.16 10.23
C ALA A 136 -3.28 21.67 9.30
N ALA A 137 -4.51 21.76 9.83
CA ALA A 137 -5.64 22.08 8.96
C ALA A 137 -5.52 23.47 8.41
N HIS A 138 -4.59 24.26 8.98
CA HIS A 138 -4.35 25.66 8.59
C HIS A 138 -3.12 25.91 7.74
N GLU A 139 -2.52 24.85 7.20
CA GLU A 139 -1.29 24.97 6.42
C GLU A 139 -1.51 24.37 5.03
N PRO A 140 -0.84 24.91 3.98
CA PRO A 140 -1.15 24.43 2.64
C PRO A 140 -0.76 22.96 2.46
N ASP A 141 0.21 22.49 3.22
CA ASP A 141 0.57 21.05 3.14
C ASP A 141 0.11 20.28 4.39
N GLY A 142 -0.94 20.74 5.05
CA GLY A 142 -1.34 20.21 6.39
C GLY A 142 -2.11 18.87 6.28
N LEU A 143 -2.95 18.81 5.28
CA LEU A 143 -3.94 17.69 5.21
C LEU A 143 -3.80 16.93 3.88
N ALA A 144 -4.19 15.65 3.90
CA ALA A 144 -4.28 14.84 2.67
C ALA A 144 -5.60 14.11 2.77
N VAL A 145 -6.44 14.18 1.77
CA VAL A 145 -7.67 13.42 1.81
C VAL A 145 -7.60 12.40 0.67
N LEU A 146 -7.84 11.13 1.00
CA LEU A 146 -8.03 10.10 -0.04
C LEU A 146 -9.55 10.02 -0.33
N GLY A 147 -9.88 10.20 -1.63
CA GLY A 147 -11.26 10.20 -2.13
C GLY A 147 -11.51 8.86 -2.79
N VAL A 148 -12.61 8.15 -2.41
CA VAL A 148 -12.95 6.90 -3.04
C VAL A 148 -14.40 7.00 -3.58
N PHE A 149 -14.61 6.76 -4.88
CA PHE A 149 -15.94 6.80 -5.45
C PHE A 149 -16.69 5.51 -5.15
N LEU A 150 -18.01 5.65 -4.96
CA LEU A 150 -18.88 4.50 -4.81
C LEU A 150 -19.83 4.47 -5.98
N GLN A 151 -20.00 3.30 -6.62
CA GLN A 151 -20.87 3.16 -7.78
C GLN A 151 -21.92 2.16 -7.38
N ILE A 152 -23.13 2.30 -7.92
CA ILE A 152 -24.21 1.34 -7.65
C ILE A 152 -23.85 -0.02 -8.29
N GLY A 153 -23.98 -1.08 -7.50
CA GLY A 153 -23.69 -2.43 -7.98
C GLY A 153 -24.20 -3.40 -6.97
N GLU A 154 -23.45 -4.48 -6.81
N GLU A 154 -23.46 -4.46 -6.79
CA GLU A 154 -23.77 -5.47 -5.80
CA GLU A 154 -23.84 -5.45 -5.82
C GLU A 154 -23.66 -4.82 -4.42
C GLU A 154 -23.57 -4.91 -4.42
N PRO A 155 -24.33 -5.38 -3.41
CA PRO A 155 -24.16 -4.89 -2.06
C PRO A 155 -22.72 -5.16 -1.62
N ASN A 156 -22.18 -4.27 -0.83
CA ASN A 156 -20.76 -4.37 -0.47
C ASN A 156 -20.72 -4.79 1.00
N SER A 157 -20.23 -6.00 1.26
CA SER A 157 -20.24 -6.44 2.65
C SER A 157 -19.31 -5.60 3.54
N GLN A 158 -18.35 -4.93 2.94
CA GLN A 158 -17.42 -4.10 3.73
C GLN A 158 -18.11 -2.86 4.25
N LEU A 159 -19.32 -2.57 3.72
CA LEU A 159 -20.03 -1.38 4.25
C LEU A 159 -21.03 -1.76 5.34
N GLN A 160 -21.22 -3.08 5.57
CA GLN A 160 -22.25 -3.56 6.53
C GLN A 160 -21.97 -3.03 7.95
N LYS A 161 -20.70 -3.01 8.34
CA LYS A 161 -20.39 -2.53 9.69
C LYS A 161 -20.91 -1.10 9.94
N ILE A 162 -20.74 -0.26 8.89
CA ILE A 162 -21.17 1.11 8.96
C ILE A 162 -22.70 1.16 8.93
N THR A 163 -23.31 0.48 7.97
CA THR A 163 -24.75 0.67 7.84
C THR A 163 -25.53 0.13 9.06
N ASP A 164 -25.06 -0.95 9.69
CA ASP A 164 -25.70 -1.48 10.89
C ASP A 164 -25.78 -0.48 12.02
N THR A 165 -24.95 0.60 12.00
CA THR A 165 -24.99 1.58 13.10
C THR A 165 -25.89 2.74 12.79
N LEU A 166 -26.37 2.89 11.53
CA LEU A 166 -27.04 4.12 11.16
C LEU A 166 -28.33 4.49 11.98
N ASP A 167 -29.09 3.46 12.35
CA ASP A 167 -30.31 3.63 13.13
C ASP A 167 -29.94 4.19 14.51
N SER A 168 -28.81 3.76 15.06
CA SER A 168 -28.43 4.24 16.37
C SER A 168 -27.92 5.69 16.36
N ILE A 169 -27.59 6.21 15.19
CA ILE A 169 -27.11 7.58 15.13
C ILE A 169 -28.01 8.48 14.28
N LYS A 170 -29.32 8.22 14.34
CA LYS A 170 -30.21 8.97 13.50
C LYS A 170 -30.13 10.48 13.71
N GLU A 171 -30.18 10.92 14.98
CA GLU A 171 -30.23 12.33 15.27
C GLU A 171 -28.86 12.91 15.31
N LYS A 172 -28.71 14.15 14.86
CA LYS A 172 -27.44 14.89 14.94
C LYS A 172 -26.91 14.84 16.39
N GLY A 173 -25.60 14.54 16.51
CA GLY A 173 -24.92 14.49 17.82
C GLY A 173 -24.86 13.11 18.43
N LYS A 174 -25.69 12.19 17.97
CA LYS A 174 -25.63 10.82 18.46
C LYS A 174 -24.33 10.15 18.05
N GLN A 175 -23.86 9.26 18.91
CA GLN A 175 -22.62 8.52 18.67
C GLN A 175 -22.64 7.15 19.27
N THR A 176 -21.82 6.26 18.72
CA THR A 176 -21.86 4.87 19.12
C THR A 176 -20.44 4.37 19.04
N ARG A 177 -19.99 3.66 20.07
CA ARG A 177 -18.63 3.11 20.02
C ARG A 177 -18.53 2.21 18.75
N PHE A 178 -17.36 2.23 18.16
CA PHE A 178 -17.16 1.65 16.82
C PHE A 178 -15.66 1.40 16.63
N THR A 179 -15.28 0.14 16.70
CA THR A 179 -13.85 -0.22 16.57
C THR A 179 -13.74 -1.52 15.81
N ASN A 180 -12.50 -1.98 15.66
CA ASN A 180 -12.19 -3.04 14.70
C ASN A 180 -12.79 -2.74 13.32
N PHE A 181 -12.50 -1.57 12.78
CA PHE A 181 -12.98 -1.27 11.45
C PHE A 181 -11.82 -1.40 10.47
N ASP A 182 -11.92 -2.41 9.61
CA ASP A 182 -10.82 -2.77 8.73
C ASP A 182 -10.93 -1.86 7.46
N LEU A 183 -10.55 -0.61 7.63
CA LEU A 183 -10.70 0.38 6.53
C LEU A 183 -9.90 -0.02 5.28
N LEU A 184 -8.74 -0.64 5.47
CA LEU A 184 -7.95 -1.18 4.33
C LEU A 184 -8.79 -2.00 3.34
N SER A 185 -9.67 -2.82 3.92
CA SER A 185 -10.40 -3.79 3.15
C SER A 185 -11.59 -3.14 2.40
N LEU A 186 -11.86 -1.87 2.70
CA LEU A 186 -12.93 -1.14 2.00
C LEU A 186 -12.40 -0.51 0.74
N LEU A 187 -11.09 -0.34 0.63
CA LEU A 187 -10.56 0.35 -0.52
C LEU A 187 -10.59 -0.53 -1.77
N PRO A 188 -10.57 0.09 -2.95
CA PRO A 188 -10.52 -0.67 -4.20
C PRO A 188 -9.12 -1.34 -4.31
N PRO A 189 -9.04 -2.37 -5.12
CA PRO A 189 -7.77 -3.14 -5.26
C PRO A 189 -6.67 -2.39 -6.03
N SER A 190 -7.05 -1.44 -6.90
CA SER A 190 -6.07 -0.50 -7.58
C SER A 190 -5.98 0.83 -6.86
N TRP A 191 -4.76 1.28 -6.64
CA TRP A 191 -4.57 2.54 -6.00
C TRP A 191 -4.00 3.58 -6.94
N ASP A 192 -4.25 3.47 -8.26
CA ASP A 192 -3.97 4.55 -9.19
C ASP A 192 -4.81 5.75 -8.81
N TYR A 193 -4.26 6.94 -8.97
CA TYR A 193 -4.92 8.15 -8.45
C TYR A 193 -4.68 9.41 -9.33
N TRP A 194 -5.58 10.39 -9.17
CA TRP A 194 -5.37 11.77 -9.60
C TRP A 194 -5.08 12.58 -8.34
N THR A 195 -4.37 13.68 -8.52
CA THR A 195 -4.04 14.53 -7.38
C THR A 195 -4.03 16.02 -7.77
N TYR A 196 -4.46 16.87 -6.84
CA TYR A 196 -4.32 18.34 -7.08
C TYR A 196 -4.43 19.01 -5.70
N PRO A 197 -3.94 20.26 -5.60
CA PRO A 197 -4.03 21.02 -4.35
C PRO A 197 -5.41 21.64 -4.25
N GLY A 198 -6.08 21.40 -3.11
CA GLY A 198 -7.41 21.98 -2.95
C GLY A 198 -7.72 22.33 -1.51
N SER A 199 -8.98 22.08 -1.13
CA SER A 199 -9.50 22.62 0.15
C SER A 199 -10.36 21.57 0.78
N LEU A 200 -10.74 21.82 2.02
CA LEU A 200 -11.92 21.20 2.61
C LEU A 200 -13.12 21.51 1.70
N THR A 201 -14.01 20.51 1.56
CA THR A 201 -15.23 20.73 0.74
C THR A 201 -16.38 21.12 1.64
N VAL A 202 -16.12 21.28 2.94
CA VAL A 202 -17.13 21.77 3.89
C VAL A 202 -16.48 22.98 4.62
N PRO A 203 -17.30 23.90 5.10
CA PRO A 203 -16.81 24.92 6.04
C PRO A 203 -15.90 24.28 7.13
N PRO A 204 -14.78 24.96 7.47
CA PRO A 204 -14.36 26.28 7.08
C PRO A 204 -13.65 26.40 5.75
N LEU A 205 -13.67 25.34 4.95
CA LEU A 205 -13.25 25.42 3.51
C LEU A 205 -11.76 25.76 3.34
N LEU A 206 -10.96 25.47 4.36
CA LEU A 206 -9.54 25.87 4.33
C LEU A 206 -8.76 25.20 3.23
N GLU A 207 -7.87 25.99 2.63
CA GLU A 207 -7.10 25.56 1.48
C GLU A 207 -5.82 24.88 1.92
N SER A 208 -5.99 23.69 2.49
CA SER A 208 -4.91 23.00 3.20
C SER A 208 -4.83 21.53 2.77
N VAL A 209 -5.50 21.18 1.67
CA VAL A 209 -5.70 19.76 1.32
C VAL A 209 -4.96 19.36 0.03
N THR A 210 -4.08 18.35 0.12
CA THR A 210 -3.63 17.60 -1.04
C THR A 210 -4.65 16.48 -1.33
N TRP A 211 -5.44 16.69 -2.38
CA TRP A 211 -6.40 15.66 -2.77
C TRP A 211 -5.74 14.55 -3.55
N ILE A 212 -6.15 13.32 -3.18
CA ILE A 212 -5.65 12.10 -3.84
C ILE A 212 -6.95 11.35 -4.10
N VAL A 213 -7.45 11.40 -5.35
CA VAL A 213 -8.71 10.74 -5.72
C VAL A 213 -8.41 9.47 -6.47
N LEU A 214 -8.86 8.33 -5.92
CA LEU A 214 -8.62 7.06 -6.58
C LEU A 214 -9.48 6.89 -7.84
N LYS A 215 -8.82 6.44 -8.91
CA LYS A 215 -9.59 6.16 -10.12
C LYS A 215 -10.69 5.08 -9.96
N GLN A 216 -10.36 4.00 -9.29
CA GLN A 216 -11.30 2.83 -9.27
C GLN A 216 -12.40 3.00 -8.20
N PRO A 217 -13.68 2.99 -8.60
CA PRO A 217 -14.76 2.97 -7.61
C PRO A 217 -14.91 1.63 -6.90
N ILE A 218 -15.52 1.67 -5.73
CA ILE A 218 -16.05 0.48 -5.01
C ILE A 218 -17.57 0.47 -5.18
N ASN A 219 -18.12 -0.70 -4.95
CA ASN A 219 -19.55 -0.85 -5.14
C ASN A 219 -20.35 -0.61 -3.85
N ILE A 220 -21.61 -0.26 -4.07
CA ILE A 220 -22.60 -0.14 -2.99
C ILE A 220 -23.96 -0.47 -3.62
N SER A 221 -24.84 -1.15 -2.89
CA SER A 221 -26.19 -1.28 -3.48
C SER A 221 -27.05 -0.02 -3.26
N SER A 222 -28.09 0.12 -4.11
CA SER A 222 -29.00 1.26 -3.93
C SER A 222 -29.61 1.25 -2.52
N GLN A 223 -29.93 0.05 -2.00
CA GLN A 223 -30.57 -0.04 -0.67
C GLN A 223 -29.59 0.30 0.48
N GLN A 224 -28.31 -0.01 0.28
CA GLN A 224 -27.32 0.39 1.24
C GLN A 224 -27.20 1.91 1.24
N LEU A 225 -27.07 2.48 0.04
CA LEU A 225 -26.87 3.94 -0.06
C LEU A 225 -28.10 4.70 0.56
N ALA A 226 -29.33 4.20 0.33
CA ALA A 226 -30.51 4.89 0.83
C ALA A 226 -30.55 5.02 2.34
N LYS A 227 -29.93 4.07 3.07
CA LYS A 227 -29.84 4.18 4.50
C LYS A 227 -29.20 5.49 4.98
N PHE A 228 -28.20 5.99 4.23
CA PHE A 228 -27.52 7.22 4.67
C PHE A 228 -28.44 8.42 4.66
N ARG A 229 -29.40 8.44 3.72
CA ARG A 229 -30.35 9.55 3.62
C ARG A 229 -31.30 9.62 4.81
N SER A 230 -31.47 8.51 5.56
CA SER A 230 -32.27 8.57 6.80
C SER A 230 -31.61 9.24 7.96
N LEU A 231 -30.33 9.62 7.86
CA LEU A 231 -29.73 10.40 8.91
C LEU A 231 -30.34 11.80 8.95
N LEU A 232 -30.52 12.39 10.13
CA LEU A 232 -30.99 13.77 10.22
C LEU A 232 -29.88 14.80 10.23
N CYS A 233 -30.15 16.01 9.72
CA CYS A 233 -29.20 17.13 9.95
C CYS A 233 -29.64 17.95 11.20
N THR A 234 -30.54 17.34 11.97
CA THR A 234 -31.16 17.99 13.14
C THR A 234 -30.99 17.09 14.38
N ALA A 235 -30.90 17.75 15.52
CA ALA A 235 -30.61 17.13 16.81
C ALA A 235 -31.92 16.74 17.48
N GLU A 236 -31.79 15.97 18.56
CA GLU A 236 -32.93 15.53 19.38
C GLU A 236 -33.67 16.80 19.85
N GLY A 237 -35.00 16.77 19.71
CA GLY A 237 -35.91 17.91 19.99
C GLY A 237 -35.86 19.14 19.08
N GLU A 238 -35.23 19.02 17.91
CA GLU A 238 -35.24 20.04 16.85
C GLU A 238 -36.18 19.45 15.78
N ALA A 239 -36.97 20.26 15.07
CA ALA A 239 -37.91 19.76 14.02
C ALA A 239 -37.12 18.98 12.93
N ALA A 240 -37.51 17.73 12.65
CA ALA A 240 -36.67 16.79 11.84
C ALA A 240 -36.48 17.28 10.40
N ALA A 241 -35.25 17.16 9.92
CA ALA A 241 -34.99 17.39 8.51
C ALA A 241 -33.93 16.33 8.20
N PHE A 242 -34.09 15.71 7.03
CA PHE A 242 -33.21 14.62 6.58
C PHE A 242 -32.02 15.09 5.73
N LEU A 243 -30.89 14.40 5.91
CA LEU A 243 -29.69 14.69 5.14
C LEU A 243 -29.75 13.88 3.81
N VAL A 244 -30.65 14.30 2.94
CA VAL A 244 -30.84 13.56 1.70
C VAL A 244 -29.70 13.83 0.71
N SER A 245 -28.99 14.95 0.89
CA SER A 245 -27.87 15.28 -0.03
C SER A 245 -26.86 16.11 0.72
N ASN A 246 -25.57 15.77 0.58
CA ASN A 246 -24.54 16.50 1.33
C ASN A 246 -23.23 16.62 0.48
N HIS A 247 -23.38 16.97 -0.79
CA HIS A 247 -22.21 17.17 -1.65
C HIS A 247 -22.15 18.61 -2.16
N ARG A 248 -20.94 19.16 -2.16
CA ARG A 248 -20.71 20.53 -2.65
C ARG A 248 -20.58 20.46 -4.19
N PRO A 249 -21.05 21.51 -4.93
CA PRO A 249 -20.88 21.49 -6.36
C PRO A 249 -19.38 21.64 -6.76
N PRO A 250 -19.03 21.33 -8.02
CA PRO A 250 -17.63 21.57 -8.41
C PRO A 250 -17.24 23.04 -8.46
N GLN A 251 -15.97 23.30 -8.20
CA GLN A 251 -15.45 24.68 -8.02
C GLN A 251 -14.45 24.94 -9.14
N PRO A 252 -14.21 26.21 -9.48
CA PRO A 252 -13.36 26.52 -10.62
C PRO A 252 -11.90 26.06 -10.40
N LEU A 253 -11.32 25.49 -11.44
CA LEU A 253 -9.98 24.98 -11.31
C LEU A 253 -8.91 26.08 -11.17
N LYS A 254 -9.17 27.24 -11.77
CA LYS A 254 -8.33 28.41 -11.57
C LYS A 254 -6.82 28.11 -11.88
N GLY A 255 -6.59 27.28 -12.91
CA GLY A 255 -5.22 27.07 -13.44
C GLY A 255 -4.38 26.12 -12.60
N ARG A 256 -4.99 25.48 -11.62
CA ARG A 256 -4.33 24.34 -10.99
C ARG A 256 -4.09 23.16 -11.93
N LYS A 257 -3.07 22.36 -11.64
CA LYS A 257 -2.73 21.25 -12.47
C LYS A 257 -3.29 20.01 -11.81
N VAL A 258 -4.13 19.24 -12.52
CA VAL A 258 -4.52 17.89 -11.96
C VAL A 258 -3.53 16.88 -12.53
N ARG A 259 -2.87 16.10 -11.66
CA ARG A 259 -1.87 15.13 -12.21
C ARG A 259 -2.35 13.68 -11.96
N ALA A 260 -1.89 12.81 -12.82
CA ALA A 260 -2.24 11.36 -12.70
C ALA A 260 -1.02 10.55 -12.36
N SER A 261 -1.19 9.52 -11.49
CA SER A 261 -0.10 8.62 -11.13
C SER A 261 0.18 7.55 -12.20
N PHE A 262 -0.65 7.47 -13.22
CA PHE A 262 -0.70 6.39 -14.16
C PHE A 262 -0.86 6.92 -15.58
N HIS A 263 -0.58 6.08 -16.59
CA HIS A 263 -1.06 6.40 -17.95
C HIS A 263 -1.22 5.12 -18.77
N SER B 6 22.32 -32.21 2.47
CA SER B 6 21.35 -31.14 2.06
C SER B 6 22.01 -29.75 1.94
N TRP B 7 21.41 -28.90 1.13
CA TRP B 7 22.12 -27.76 0.59
C TRP B 7 22.25 -26.65 1.64
N GLY B 8 23.24 -25.79 1.46
CA GLY B 8 23.35 -24.59 2.33
C GLY B 8 24.28 -23.61 1.74
N TYR B 9 25.06 -22.92 2.58
CA TYR B 9 26.04 -21.93 2.13
C TYR B 9 27.44 -22.17 2.65
N ARG B 10 27.61 -23.35 3.21
CA ARG B 10 28.89 -23.76 3.89
C ARG B 10 29.82 -24.32 2.81
N GLU B 11 31.07 -24.62 3.16
CA GLU B 11 31.97 -25.17 2.15
C GLU B 11 31.46 -26.38 1.37
N HIS B 12 30.96 -27.42 2.05
CA HIS B 12 30.64 -28.66 1.35
C HIS B 12 29.26 -28.70 0.67
N ASN B 13 28.42 -27.73 0.94
CA ASN B 13 27.01 -27.81 0.54
C ASN B 13 26.60 -26.48 -0.12
N GLY B 14 27.55 -25.58 -0.28
CA GLY B 14 27.27 -24.19 -0.75
C GLY B 14 27.03 -24.09 -2.26
N PRO B 15 26.81 -22.86 -2.76
CA PRO B 15 26.34 -22.62 -4.13
C PRO B 15 27.09 -23.33 -5.24
N ILE B 16 28.43 -23.39 -5.15
CA ILE B 16 29.25 -24.15 -6.15
C ILE B 16 28.83 -25.61 -6.29
N HIS B 17 28.32 -26.19 -5.19
CA HIS B 17 27.88 -27.58 -5.18
C HIS B 17 26.48 -27.87 -5.60
N TRP B 18 25.60 -26.86 -5.73
CA TRP B 18 24.16 -27.16 -5.99
C TRP B 18 23.93 -27.84 -7.31
N LYS B 19 24.77 -27.55 -8.30
CA LYS B 19 24.68 -28.15 -9.64
C LYS B 19 24.78 -29.67 -9.59
N GLU B 20 25.43 -30.19 -8.54
CA GLU B 20 25.44 -31.67 -8.37
C GLU B 20 24.09 -32.33 -8.25
N PHE B 21 23.17 -31.74 -7.53
CA PHE B 21 21.89 -32.40 -7.38
C PHE B 21 20.82 -31.61 -8.09
N PHE B 22 21.15 -30.37 -8.51
CA PHE B 22 20.15 -29.53 -9.22
C PHE B 22 20.81 -28.97 -10.48
N PRO B 23 20.86 -29.78 -11.57
CA PRO B 23 21.67 -29.28 -12.66
C PRO B 23 21.06 -28.09 -13.39
N ILE B 24 19.80 -27.76 -13.11
CA ILE B 24 19.22 -26.48 -13.60
C ILE B 24 20.05 -25.26 -13.06
N ALA B 25 20.94 -25.49 -12.09
CA ALA B 25 21.82 -24.44 -11.65
C ALA B 25 22.61 -23.76 -12.75
N ASP B 26 22.94 -24.51 -13.82
CA ASP B 26 23.67 -23.97 -14.96
C ASP B 26 22.74 -23.77 -16.15
N GLY B 27 21.43 -23.56 -15.87
CA GLY B 27 20.45 -23.35 -16.88
C GLY B 27 20.49 -21.95 -17.47
N ASP B 28 19.51 -21.67 -18.33
CA ASP B 28 19.48 -20.49 -19.19
C ASP B 28 18.74 -19.35 -18.55
N GLN B 29 17.94 -19.68 -17.53
CA GLN B 29 17.23 -18.55 -16.87
C GLN B 29 17.48 -18.51 -15.32
N GLN B 30 18.75 -18.48 -14.94
CA GLN B 30 19.06 -18.56 -13.55
C GLN B 30 19.19 -17.20 -12.92
N SER B 31 18.91 -17.16 -11.61
CA SER B 31 19.01 -15.94 -10.83
C SER B 31 19.93 -16.14 -9.63
N PRO B 32 20.43 -15.06 -9.11
CA PRO B 32 20.29 -13.70 -9.53
C PRO B 32 21.19 -13.38 -10.72
N ILE B 33 21.27 -12.08 -11.11
CA ILE B 33 22.02 -11.69 -12.31
C ILE B 33 22.72 -10.40 -11.98
N GLU B 34 23.63 -10.01 -12.85
CA GLU B 34 24.16 -8.64 -12.87
C GLU B 34 23.27 -7.78 -13.79
N ILE B 35 22.96 -6.59 -13.34
CA ILE B 35 22.08 -5.72 -14.13
C ILE B 35 22.95 -4.61 -14.71
N LYS B 36 23.10 -4.63 -16.05
CA LYS B 36 23.95 -3.62 -16.77
C LYS B 36 22.99 -2.58 -17.28
N THR B 37 22.89 -1.46 -16.57
CA THR B 37 21.85 -0.46 -16.90
C THR B 37 21.94 0.13 -18.33
N LYS B 38 23.13 0.23 -18.91
CA LYS B 38 23.18 0.81 -20.25
C LYS B 38 22.46 -0.10 -21.27
N GLU B 39 22.39 -1.41 -21.01
CA GLU B 39 21.73 -2.35 -21.93
C GLU B 39 20.21 -2.41 -21.70
N VAL B 40 19.75 -1.95 -20.55
CA VAL B 40 18.34 -2.15 -20.16
C VAL B 40 17.47 -1.20 -20.97
N LYS B 41 16.37 -1.71 -21.49
CA LYS B 41 15.47 -0.80 -22.24
C LYS B 41 14.20 -0.51 -21.43
N TYR B 42 13.73 0.75 -21.46
CA TYR B 42 12.41 1.06 -20.86
C TYR B 42 11.36 0.39 -21.73
N ASP B 43 10.37 -0.21 -21.11
CA ASP B 43 9.29 -0.83 -21.86
C ASP B 43 7.99 -0.12 -21.51
N SER B 44 7.46 0.64 -22.49
CA SER B 44 6.18 1.33 -22.18
C SER B 44 4.95 0.41 -22.10
N SER B 45 5.07 -0.88 -22.47
CA SER B 45 3.92 -1.77 -22.32
C SER B 45 3.75 -2.27 -20.86
N LEU B 46 4.75 -2.01 -19.99
CA LEU B 46 4.57 -2.35 -18.58
C LEU B 46 3.45 -1.56 -17.93
N ARG B 47 2.56 -2.26 -17.26
CA ARG B 47 1.40 -1.65 -16.63
C ARG B 47 1.82 -1.11 -15.27
N PRO B 48 1.02 -0.20 -14.67
CA PRO B 48 1.40 0.29 -13.32
C PRO B 48 1.52 -0.91 -12.34
N LEU B 49 2.56 -0.87 -11.54
CA LEU B 49 2.75 -1.95 -10.53
C LEU B 49 1.79 -1.71 -9.40
N SER B 50 1.05 -2.74 -8.99
CA SER B 50 0.11 -2.64 -7.91
C SER B 50 0.52 -3.55 -6.79
N ILE B 51 0.70 -2.97 -5.60
CA ILE B 51 1.08 -3.78 -4.44
C ILE B 51 0.14 -3.43 -3.31
N LYS B 52 -0.57 -4.40 -2.75
CA LYS B 52 -1.45 -4.16 -1.63
C LYS B 52 -1.18 -5.28 -0.61
N TYR B 53 -0.76 -4.91 0.59
CA TYR B 53 -0.45 -5.88 1.60
C TYR B 53 -1.23 -5.53 2.83
N ASP B 54 -1.78 -6.54 3.45
CA ASP B 54 -2.59 -6.41 4.68
C ASP B 54 -1.75 -6.91 5.85
N PRO B 55 -1.52 -6.05 6.84
CA PRO B 55 -0.67 -6.46 7.96
C PRO B 55 -1.21 -7.73 8.69
N SER B 56 -2.51 -8.03 8.55
CA SER B 56 -3.02 -9.17 9.31
C SER B 56 -2.74 -10.47 8.57
N SER B 57 -2.26 -10.38 7.32
CA SER B 57 -1.87 -11.58 6.58
C SER B 57 -0.67 -12.35 7.20
N ALA B 58 0.26 -11.68 7.83
CA ALA B 58 1.49 -12.30 8.36
C ALA B 58 1.08 -13.21 9.53
N LYS B 59 1.65 -14.41 9.60
CA LYS B 59 1.28 -15.32 10.68
C LYS B 59 2.46 -15.74 11.56
N ILE B 60 3.55 -16.18 10.95
CA ILE B 60 4.63 -16.78 11.73
C ILE B 60 5.97 -16.37 11.12
N ILE B 61 6.98 -16.27 11.99
CA ILE B 61 8.32 -16.06 11.51
C ILE B 61 9.13 -17.23 12.06
N SER B 62 9.98 -17.75 11.20
CA SER B 62 10.75 -18.93 11.54
C SER B 62 12.15 -18.87 11.00
N ASN B 63 13.02 -19.72 11.56
CA ASN B 63 14.37 -19.91 11.02
C ASN B 63 14.36 -21.15 10.16
N SER B 64 14.51 -20.95 8.85
CA SER B 64 14.44 -22.06 7.91
C SER B 64 15.76 -22.89 7.89
N GLY B 65 16.78 -22.34 8.52
CA GLY B 65 18.17 -22.80 8.34
C GLY B 65 18.97 -22.05 7.28
N HIS B 66 18.27 -21.29 6.44
CA HIS B 66 18.82 -20.59 5.29
C HIS B 66 18.62 -19.05 5.36
N SER B 67 17.67 -18.57 6.18
CA SER B 67 17.33 -17.16 6.41
C SER B 67 16.21 -17.20 7.50
N PHE B 68 15.67 -16.04 7.89
CA PHE B 68 14.35 -16.03 8.57
C PHE B 68 13.33 -16.11 7.42
N ASN B 69 12.12 -16.59 7.73
CA ASN B 69 11.09 -16.64 6.76
C ASN B 69 9.86 -16.13 7.47
N VAL B 70 9.20 -15.12 6.89
CA VAL B 70 7.85 -14.74 7.40
C VAL B 70 6.84 -15.40 6.53
N ASP B 71 5.95 -16.23 7.09
CA ASP B 71 4.86 -16.84 6.30
C ASP B 71 3.59 -16.10 6.49
N PHE B 72 2.86 -15.96 5.38
CA PHE B 72 1.57 -15.27 5.33
C PHE B 72 0.44 -16.23 4.99
N ASP B 73 -0.73 -15.92 5.49
CA ASP B 73 -1.99 -16.58 5.08
C ASP B 73 -2.20 -16.32 3.62
N ASP B 74 -2.11 -17.38 2.78
CA ASP B 74 -2.16 -17.20 1.32
C ASP B 74 -3.44 -17.93 0.75
N THR B 75 -4.56 -17.75 1.49
CA THR B 75 -5.89 -18.34 1.12
C THR B 75 -6.84 -17.36 0.46
N GLU B 76 -6.50 -16.05 0.49
CA GLU B 76 -7.32 -14.97 -0.03
C GLU B 76 -6.44 -13.98 -0.72
N ASN B 77 -7.07 -13.04 -1.38
CA ASN B 77 -6.41 -11.95 -2.14
C ASN B 77 -6.26 -10.61 -1.41
N LYS B 78 -6.03 -10.70 -0.10
CA LYS B 78 -5.79 -9.58 0.85
C LYS B 78 -4.41 -8.98 0.60
N SER B 79 -3.43 -9.83 0.25
CA SER B 79 -2.04 -9.34 -0.01
C SER B 79 -1.61 -9.92 -1.32
N VAL B 80 -1.52 -9.01 -2.33
CA VAL B 80 -1.36 -9.37 -3.74
C VAL B 80 -0.53 -8.37 -4.46
N LEU B 81 0.25 -8.92 -5.38
CA LEU B 81 1.01 -8.17 -6.37
C LEU B 81 0.40 -8.32 -7.73
N ARG B 82 0.16 -7.18 -8.42
CA ARG B 82 -0.42 -7.24 -9.77
C ARG B 82 0.21 -6.17 -10.67
N GLY B 83 -0.11 -6.20 -11.96
CA GLY B 83 0.46 -5.14 -12.82
C GLY B 83 1.92 -5.36 -13.19
N GLY B 84 2.55 -4.25 -13.58
CA GLY B 84 3.89 -4.35 -14.11
C GLY B 84 3.97 -5.34 -15.25
N PRO B 85 4.85 -6.32 -15.16
CA PRO B 85 5.02 -7.31 -16.20
C PRO B 85 4.02 -8.43 -16.09
N LEU B 86 3.25 -8.44 -14.99
CA LEU B 86 2.46 -9.65 -14.62
C LEU B 86 1.15 -9.72 -15.34
N THR B 87 0.77 -10.95 -15.70
CA THR B 87 -0.63 -11.23 -16.13
C THR B 87 -1.35 -11.88 -14.93
N GLY B 88 -2.43 -11.26 -14.47
CA GLY B 88 -3.24 -11.79 -13.34
C GLY B 88 -2.64 -11.54 -11.96
N SER B 89 -3.10 -12.28 -10.96
CA SER B 89 -2.87 -11.82 -9.57
C SER B 89 -1.92 -12.79 -8.85
N TYR B 90 -0.88 -12.21 -8.24
CA TYR B 90 0.11 -13.02 -7.56
C TYR B 90 0.01 -12.84 -6.05
N ARG B 91 -0.24 -13.96 -5.35
CA ARG B 91 -0.61 -13.88 -3.91
C ARG B 91 0.68 -13.90 -3.07
N LEU B 92 0.76 -13.05 -2.06
CA LEU B 92 1.89 -13.05 -1.15
C LEU B 92 2.00 -14.38 -0.37
N ARG B 93 3.22 -14.94 -0.37
CA ARG B 93 3.48 -16.20 0.31
C ARG B 93 4.49 -16.01 1.48
N GLN B 94 5.65 -15.42 1.19
CA GLN B 94 6.67 -15.36 2.22
C GLN B 94 7.65 -14.26 1.95
N VAL B 95 8.34 -13.87 3.02
CA VAL B 95 9.40 -12.86 2.95
C VAL B 95 10.64 -13.44 3.62
N HIS B 96 11.80 -13.26 2.97
CA HIS B 96 13.10 -13.62 3.60
C HIS B 96 14.20 -12.64 3.21
N LEU B 97 15.40 -12.83 3.73
CA LEU B 97 16.45 -11.83 3.47
C LEU B 97 17.75 -12.59 3.12
N HIS B 98 18.58 -12.00 2.26
CA HIS B 98 19.93 -12.51 2.01
C HIS B 98 20.97 -11.46 2.40
N TRP B 99 22.11 -11.90 2.93
CA TRP B 99 23.18 -10.93 3.25
C TRP B 99 24.50 -11.66 3.04
N GLY B 100 25.60 -10.94 3.22
CA GLY B 100 26.96 -11.54 3.12
C GLY B 100 27.66 -11.48 4.48
N SER B 101 28.88 -12.04 4.54
CA SER B 101 29.61 -11.98 5.77
C SER B 101 30.17 -10.63 6.15
N ALA B 102 30.24 -9.70 5.19
CA ALA B 102 30.70 -8.35 5.48
C ALA B 102 29.75 -7.35 4.84
N ASP B 103 29.69 -6.14 5.35
CA ASP B 103 28.75 -5.13 4.83
C ASP B 103 28.93 -4.69 3.37
N ASP B 104 30.11 -4.93 2.75
CA ASP B 104 30.38 -4.32 1.46
C ASP B 104 29.72 -5.08 0.33
N HIS B 105 29.28 -6.31 0.60
CA HIS B 105 28.55 -7.06 -0.41
C HIS B 105 27.72 -8.17 0.23
N GLY B 106 26.65 -8.52 -0.42
CA GLY B 106 25.78 -9.50 0.21
C GLY B 106 24.46 -9.52 -0.51
N SER B 107 24.20 -8.51 -1.31
CA SER B 107 22.97 -8.63 -2.16
C SER B 107 23.16 -9.75 -3.26
N GLU B 108 22.03 -10.30 -3.71
CA GLU B 108 22.07 -11.33 -4.71
C GLU B 108 22.23 -10.66 -6.06
N HIS B 109 21.31 -9.79 -6.44
CA HIS B 109 21.53 -8.95 -7.64
C HIS B 109 22.63 -7.90 -7.38
N ILE B 110 23.34 -7.57 -8.46
CA ILE B 110 24.38 -6.55 -8.44
C ILE B 110 24.15 -5.61 -9.65
N VAL B 111 24.24 -4.30 -9.41
CA VAL B 111 23.76 -3.34 -10.45
C VAL B 111 25.00 -2.56 -10.90
N ASP B 112 25.43 -2.72 -12.17
CA ASP B 112 26.67 -2.01 -12.67
C ASP B 112 27.87 -2.21 -11.70
N GLY B 113 27.95 -3.42 -11.14
CA GLY B 113 29.11 -3.84 -10.32
C GLY B 113 28.96 -3.44 -8.87
N VAL B 114 27.86 -2.76 -8.57
CA VAL B 114 27.61 -2.29 -7.21
C VAL B 114 26.71 -3.32 -6.46
N SER B 115 27.30 -3.88 -5.38
CA SER B 115 26.55 -4.70 -4.44
C SER B 115 25.98 -3.82 -3.31
N TYR B 116 24.87 -4.24 -2.72
CA TYR B 116 24.37 -3.70 -1.48
C TYR B 116 24.66 -4.66 -0.37
N ALA B 117 24.34 -4.26 0.86
CA ALA B 117 24.70 -5.06 2.05
C ALA B 117 23.76 -6.28 2.18
N ALA B 118 22.51 -6.14 1.70
CA ALA B 118 21.55 -7.27 1.86
C ALA B 118 20.45 -7.10 0.83
N GLU B 119 19.55 -8.08 0.68
CA GLU B 119 18.48 -7.94 -0.32
C GLU B 119 17.27 -8.74 0.21
N LEU B 120 16.13 -8.07 0.27
CA LEU B 120 14.94 -8.61 0.83
C LEU B 120 14.17 -9.23 -0.34
N HIS B 121 13.59 -10.41 -0.13
CA HIS B 121 12.79 -10.98 -1.19
C HIS B 121 11.36 -11.17 -0.67
N VAL B 122 10.37 -10.80 -1.50
CA VAL B 122 8.98 -10.93 -1.16
C VAL B 122 8.41 -11.88 -2.26
N VAL B 123 7.95 -13.06 -1.87
CA VAL B 123 7.72 -14.18 -2.84
C VAL B 123 6.20 -14.30 -2.99
N HIS B 124 5.71 -14.31 -4.24
CA HIS B 124 4.28 -14.39 -4.56
C HIS B 124 4.06 -15.48 -5.56
N TRP B 125 2.83 -15.98 -5.61
CA TRP B 125 2.49 -17.11 -6.56
C TRP B 125 1.12 -16.85 -7.28
N ASN B 126 1.03 -17.32 -8.51
CA ASN B 126 -0.09 -17.00 -9.41
C ASN B 126 -1.29 -17.85 -9.00
N SER B 127 -2.19 -17.27 -8.20
CA SER B 127 -3.34 -18.06 -7.66
C SER B 127 -4.50 -17.96 -8.66
N ASP B 128 -4.32 -17.18 -9.71
CA ASP B 128 -5.36 -17.14 -10.79
C ASP B 128 -5.24 -18.38 -11.67
N LYS B 129 -4.05 -19.02 -11.70
CA LYS B 129 -3.84 -20.24 -12.52
C LYS B 129 -3.54 -21.52 -11.81
N TYR B 130 -2.91 -21.41 -10.65
CA TYR B 130 -2.35 -22.60 -10.00
C TYR B 130 -2.97 -22.81 -8.61
N PRO B 131 -3.00 -24.07 -8.10
CA PRO B 131 -3.72 -24.28 -6.82
C PRO B 131 -2.93 -24.02 -5.58
N SER B 132 -1.61 -23.79 -5.71
CA SER B 132 -0.78 -23.61 -4.52
C SER B 132 0.55 -23.06 -4.97
N PHE B 133 1.27 -22.55 -3.97
CA PHE B 133 2.60 -22.09 -4.10
C PHE B 133 3.50 -23.20 -4.60
N VAL B 134 3.36 -24.40 -4.04
CA VAL B 134 4.19 -25.47 -4.47
C VAL B 134 4.02 -25.88 -5.92
N GLU B 135 2.79 -25.85 -6.44
N GLU B 135 2.78 -25.85 -6.40
CA GLU B 135 2.59 -26.19 -7.83
CA GLU B 135 2.51 -26.18 -7.78
C GLU B 135 2.95 -25.05 -8.81
C GLU B 135 3.08 -25.07 -8.69
N ALA B 136 2.75 -23.81 -8.36
CA ALA B 136 3.10 -22.66 -9.13
C ALA B 136 4.63 -22.54 -9.32
N ALA B 137 5.37 -22.97 -8.31
CA ALA B 137 6.82 -22.94 -8.37
C ALA B 137 7.43 -23.75 -9.56
N HIS B 138 6.64 -24.65 -10.17
CA HIS B 138 7.03 -25.50 -11.29
C HIS B 138 6.55 -24.99 -12.64
N GLU B 139 6.06 -23.73 -12.66
CA GLU B 139 5.51 -23.15 -13.89
C GLU B 139 6.22 -21.87 -14.29
N PRO B 140 6.45 -21.64 -15.57
CA PRO B 140 7.26 -20.43 -15.95
C PRO B 140 6.62 -19.13 -15.45
N ASP B 141 5.28 -19.08 -15.43
CA ASP B 141 4.54 -17.93 -14.98
C ASP B 141 4.01 -18.10 -13.56
N GLY B 142 4.64 -19.00 -12.78
CA GLY B 142 4.07 -19.39 -11.47
C GLY B 142 4.35 -18.36 -10.36
N LEU B 143 5.58 -17.78 -10.36
CA LEU B 143 6.00 -17.01 -9.20
C LEU B 143 6.40 -15.58 -9.63
N ALA B 144 6.30 -14.66 -8.68
CA ALA B 144 6.85 -13.31 -8.89
C ALA B 144 7.53 -12.94 -7.61
N VAL B 145 8.73 -12.41 -7.73
CA VAL B 145 9.46 -12.02 -6.50
C VAL B 145 9.85 -10.57 -6.62
N LEU B 146 9.54 -9.81 -5.57
CA LEU B 146 10.04 -8.43 -5.51
C LEU B 146 11.33 -8.46 -4.75
N GLY B 147 12.37 -7.78 -5.29
CA GLY B 147 13.74 -7.70 -4.63
C GLY B 147 13.90 -6.24 -4.18
N VAL B 148 14.25 -6.06 -2.90
CA VAL B 148 14.53 -4.71 -2.37
C VAL B 148 15.89 -4.75 -1.81
N PHE B 149 16.70 -3.80 -2.25
CA PHE B 149 18.03 -3.72 -1.74
C PHE B 149 18.07 -3.03 -0.40
N LEU B 150 19.01 -3.48 0.47
CA LEU B 150 19.26 -2.79 1.79
C LEU B 150 20.71 -2.30 1.72
N GLN B 151 20.82 -0.97 1.75
CA GLN B 151 22.14 -0.35 1.80
C GLN B 151 22.46 0.00 3.26
N ILE B 152 23.75 0.01 3.60
CA ILE B 152 24.20 0.47 4.90
C ILE B 152 23.80 1.98 5.10
N GLY B 153 23.10 2.28 6.17
CA GLY B 153 22.74 3.64 6.46
C GLY B 153 22.37 3.74 7.93
N GLU B 154 21.75 4.85 8.25
CA GLU B 154 21.27 4.99 9.65
C GLU B 154 20.21 3.92 9.90
N PRO B 155 20.08 3.44 11.18
CA PRO B 155 19.15 2.31 11.45
C PRO B 155 17.71 2.59 10.99
N ASN B 156 17.08 1.50 10.54
CA ASN B 156 15.72 1.58 9.97
C ASN B 156 14.73 1.06 11.02
N SER B 157 13.89 1.95 11.56
CA SER B 157 12.97 1.53 12.63
C SER B 157 11.96 0.52 12.17
N GLN B 158 11.77 0.41 10.87
CA GLN B 158 10.78 -0.57 10.36
C GLN B 158 11.25 -2.02 10.41
N LEU B 159 12.53 -2.21 10.63
CA LEU B 159 13.08 -3.52 10.73
C LEU B 159 12.97 -4.05 12.17
N GLN B 160 12.60 -3.16 13.12
CA GLN B 160 12.55 -3.58 14.52
C GLN B 160 11.63 -4.81 14.70
N LYS B 161 10.42 -4.79 14.13
CA LYS B 161 9.57 -5.96 14.31
C LYS B 161 10.32 -7.26 14.01
N ILE B 162 11.17 -7.28 12.96
CA ILE B 162 11.87 -8.52 12.64
C ILE B 162 13.06 -8.74 13.60
N THR B 163 13.94 -7.74 13.74
CA THR B 163 15.16 -7.92 14.59
C THR B 163 14.82 -8.35 16.00
N ASP B 164 13.70 -7.82 16.53
CA ASP B 164 13.21 -8.20 17.87
C ASP B 164 12.96 -9.70 18.03
N THR B 165 12.69 -10.47 16.95
CA THR B 165 12.32 -11.89 17.06
C THR B 165 13.53 -12.82 16.92
N LEU B 166 14.69 -12.27 16.52
CA LEU B 166 15.80 -13.10 16.08
C LEU B 166 16.38 -14.03 17.17
N ASP B 167 16.33 -13.60 18.41
CA ASP B 167 16.83 -14.49 19.50
C ASP B 167 15.91 -15.64 19.74
N SER B 168 14.60 -15.39 19.56
CA SER B 168 13.63 -16.47 19.71
C SER B 168 13.71 -17.48 18.56
N ILE B 169 14.34 -17.17 17.42
CA ILE B 169 14.45 -18.17 16.32
C ILE B 169 15.93 -18.45 15.99
N LYS B 170 16.78 -18.41 17.00
CA LYS B 170 18.17 -18.65 16.76
C LYS B 170 18.55 -19.93 16.10
N GLU B 171 17.88 -21.02 16.49
CA GLU B 171 18.13 -22.35 15.93
C GLU B 171 17.17 -22.64 14.75
N LYS B 172 17.68 -23.26 13.69
CA LYS B 172 16.87 -23.78 12.62
C LYS B 172 15.68 -24.60 13.18
N GLY B 173 14.49 -24.36 12.66
CA GLY B 173 13.34 -25.08 13.15
C GLY B 173 12.48 -24.25 14.09
N LYS B 174 13.04 -23.22 14.71
CA LYS B 174 12.31 -22.42 15.68
C LYS B 174 11.37 -21.47 14.94
N GLN B 175 10.23 -21.17 15.58
CA GLN B 175 9.24 -20.26 14.97
C GLN B 175 8.45 -19.55 16.06
N THR B 176 7.94 -18.38 15.74
CA THR B 176 7.19 -17.58 16.68
C THR B 176 6.04 -16.87 15.99
N ARG B 177 4.96 -16.61 16.75
CA ARG B 177 3.82 -15.87 16.17
C ARG B 177 4.38 -14.50 15.66
N PHE B 178 3.90 -14.10 14.49
CA PHE B 178 4.38 -12.86 13.88
C PHE B 178 3.23 -12.32 13.05
N THR B 179 2.47 -11.35 13.59
CA THR B 179 1.38 -10.76 12.79
C THR B 179 1.34 -9.25 12.91
N ASN B 180 0.38 -8.63 12.22
CA ASN B 180 0.31 -7.19 12.18
C ASN B 180 1.65 -6.54 11.70
N PHE B 181 2.15 -7.09 10.60
CA PHE B 181 3.41 -6.75 9.98
C PHE B 181 3.17 -5.76 8.83
N ASP B 182 3.73 -4.56 8.95
CA ASP B 182 3.61 -3.45 7.99
C ASP B 182 4.68 -3.68 6.91
N LEU B 183 4.42 -4.65 6.06
CA LEU B 183 5.38 -5.04 5.00
C LEU B 183 5.56 -3.90 3.99
N LEU B 184 4.47 -3.17 3.69
CA LEU B 184 4.63 -2.05 2.79
C LEU B 184 5.70 -1.09 3.27
N SER B 185 5.86 -0.94 4.59
CA SER B 185 6.87 -0.01 5.13
C SER B 185 8.33 -0.33 4.83
N LEU B 186 8.59 -1.56 4.41
CA LEU B 186 9.92 -1.98 3.94
C LEU B 186 10.13 -1.74 2.46
N LEU B 187 9.13 -1.16 1.79
CA LEU B 187 9.38 -0.80 0.40
C LEU B 187 9.89 0.64 0.39
N PRO B 188 10.80 0.94 -0.54
CA PRO B 188 11.29 2.31 -0.72
C PRO B 188 10.14 3.20 -1.30
N PRO B 189 10.30 4.53 -1.27
CA PRO B 189 9.23 5.37 -1.74
C PRO B 189 8.94 5.24 -3.24
N SER B 190 9.96 5.01 -4.06
CA SER B 190 9.76 4.78 -5.47
C SER B 190 9.73 3.28 -5.75
N TRP B 191 8.79 2.85 -6.57
CA TRP B 191 8.78 1.47 -6.99
C TRP B 191 9.31 1.28 -8.37
N ASP B 192 10.13 2.21 -8.87
CA ASP B 192 10.76 1.95 -10.17
C ASP B 192 11.59 0.67 -10.07
N TYR B 193 11.54 -0.13 -11.14
CA TYR B 193 12.14 -1.47 -11.09
C TYR B 193 12.69 -1.96 -12.41
N TRP B 194 13.49 -3.01 -12.31
CA TRP B 194 13.95 -3.80 -13.48
C TRP B 194 13.19 -5.15 -13.39
N THR B 195 12.89 -5.72 -14.54
CA THR B 195 12.26 -7.03 -14.54
C THR B 195 12.90 -7.96 -15.57
N TYR B 196 12.92 -9.23 -15.27
CA TYR B 196 13.51 -10.20 -16.20
C TYR B 196 13.01 -11.58 -15.77
N PRO B 197 13.04 -12.53 -16.71
CA PRO B 197 12.66 -13.89 -16.30
C PRO B 197 13.80 -14.67 -15.64
N GLY B 198 13.53 -15.30 -14.51
CA GLY B 198 14.62 -16.03 -13.85
C GLY B 198 14.10 -17.11 -12.96
N SER B 199 14.81 -17.32 -11.85
CA SER B 199 14.66 -18.63 -11.14
C SER B 199 14.63 -18.35 -9.62
N LEU B 200 14.26 -19.36 -8.85
CA LEU B 200 14.62 -19.35 -7.40
C LEU B 200 16.13 -19.22 -7.31
N THR B 201 16.58 -18.45 -6.32
CA THR B 201 18.05 -18.34 -6.13
C THR B 201 18.61 -19.36 -5.12
N VAL B 202 17.77 -20.31 -4.75
CA VAL B 202 18.12 -21.42 -3.83
C VAL B 202 17.57 -22.69 -4.47
N PRO B 203 18.21 -23.84 -4.22
CA PRO B 203 17.60 -25.11 -4.55
C PRO B 203 16.13 -25.15 -4.20
N PRO B 204 15.29 -25.65 -5.09
CA PRO B 204 15.61 -26.36 -6.30
C PRO B 204 15.92 -25.53 -7.57
N LEU B 205 16.05 -24.18 -7.44
CA LEU B 205 16.51 -23.29 -8.51
C LEU B 205 15.57 -23.27 -9.75
N LEU B 206 14.29 -23.52 -9.49
CA LEU B 206 13.31 -23.72 -10.60
C LEU B 206 13.15 -22.40 -11.37
N GLU B 207 13.03 -22.51 -12.71
CA GLU B 207 12.89 -21.31 -13.61
C GLU B 207 11.46 -20.97 -13.73
N SER B 208 10.90 -20.43 -12.63
CA SER B 208 9.48 -20.11 -12.52
C SER B 208 9.20 -18.67 -12.04
N VAL B 209 10.22 -17.81 -12.02
CA VAL B 209 10.13 -16.51 -11.34
C VAL B 209 10.19 -15.32 -12.33
N THR B 210 9.16 -14.46 -12.27
CA THR B 210 9.25 -13.13 -12.82
C THR B 210 9.83 -12.23 -11.72
N TRP B 211 11.07 -11.87 -11.92
CA TRP B 211 11.79 -10.95 -11.03
C TRP B 211 11.43 -9.48 -11.27
N ILE B 212 11.18 -8.79 -10.13
CA ILE B 212 10.88 -7.35 -10.16
C ILE B 212 11.82 -6.82 -9.09
N VAL B 213 12.91 -6.18 -9.51
CA VAL B 213 13.96 -5.73 -8.57
C VAL B 213 13.84 -4.23 -8.51
N LEU B 214 13.58 -3.69 -7.33
CA LEU B 214 13.40 -2.22 -7.21
C LEU B 214 14.75 -1.54 -7.21
N LYS B 215 14.82 -0.44 -7.91
CA LYS B 215 16.07 0.36 -8.02
C LYS B 215 16.48 1.01 -6.70
N GLN B 216 15.49 1.57 -5.97
CA GLN B 216 15.81 2.36 -4.78
C GLN B 216 16.01 1.47 -3.55
N PRO B 217 17.16 1.54 -2.91
CA PRO B 217 17.31 0.73 -1.71
C PRO B 217 16.63 1.33 -0.47
N ILE B 218 16.47 0.47 0.54
CA ILE B 218 16.12 0.97 1.89
C ILE B 218 17.36 0.86 2.80
N ASN B 219 17.36 1.56 3.94
CA ASN B 219 18.53 1.54 4.85
C ASN B 219 18.52 0.38 5.84
N ILE B 220 19.73 0.00 6.28
CA ILE B 220 19.85 -0.89 7.44
C ILE B 220 21.21 -0.48 8.06
N SER B 221 21.29 -0.50 9.40
CA SER B 221 22.61 -0.14 9.98
C SER B 221 23.48 -1.38 10.05
N SER B 222 24.79 -1.16 10.17
N SER B 222 24.80 -1.19 10.18
CA SER B 222 25.68 -2.28 10.35
CA SER B 222 25.68 -2.35 10.37
C SER B 222 25.28 -3.15 11.55
C SER B 222 25.25 -3.19 11.57
N GLN B 223 24.97 -2.51 12.70
CA GLN B 223 24.49 -3.23 13.91
C GLN B 223 23.19 -4.03 13.72
N GLN B 224 22.24 -3.49 12.96
CA GLN B 224 21.05 -4.25 12.68
C GLN B 224 21.41 -5.48 11.81
N LEU B 225 22.23 -5.27 10.78
CA LEU B 225 22.44 -6.36 9.83
C LEU B 225 23.24 -7.44 10.53
N ALA B 226 24.21 -7.05 11.37
CA ALA B 226 24.95 -8.07 12.09
C ALA B 226 24.12 -9.07 12.94
N LYS B 227 22.95 -8.62 13.44
CA LYS B 227 22.02 -9.52 14.17
C LYS B 227 21.55 -10.72 13.34
N PHE B 228 21.38 -10.54 12.01
CA PHE B 228 21.02 -11.69 11.13
C PHE B 228 22.09 -12.74 11.09
N ARG B 229 23.35 -12.30 11.12
CA ARG B 229 24.47 -13.23 11.05
C ARG B 229 24.66 -14.13 12.23
N SER B 230 23.97 -13.88 13.34
N SER B 230 23.96 -13.86 13.33
CA SER B 230 24.01 -14.81 14.48
CA SER B 230 23.96 -14.76 14.51
C SER B 230 22.88 -15.83 14.50
C SER B 230 22.90 -15.85 14.46
N LEU B 231 21.99 -15.80 13.48
CA LEU B 231 21.11 -16.94 13.26
C LEU B 231 21.99 -18.14 13.00
N LEU B 232 21.53 -19.31 13.44
CA LEU B 232 22.18 -20.58 13.05
C LEU B 232 21.58 -21.23 11.83
N CYS B 233 22.42 -21.96 11.09
CA CYS B 233 21.94 -22.83 10.04
C CYS B 233 21.70 -24.23 10.56
N THR B 234 21.86 -24.42 11.86
CA THR B 234 21.77 -25.74 12.52
C THR B 234 20.66 -25.75 13.57
N ALA B 235 20.06 -26.92 13.76
CA ALA B 235 18.94 -27.09 14.72
C ALA B 235 19.49 -27.29 16.17
N GLU B 236 18.62 -27.15 17.19
CA GLU B 236 18.92 -27.38 18.60
C GLU B 236 19.57 -28.75 18.78
N GLY B 237 20.68 -28.79 19.55
CA GLY B 237 21.48 -30.00 19.74
C GLY B 237 22.34 -30.53 18.59
N GLU B 238 22.15 -30.02 17.35
CA GLU B 238 23.04 -30.29 16.23
C GLU B 238 24.23 -29.34 16.40
N ALA B 239 25.44 -29.73 15.98
CA ALA B 239 26.68 -28.90 16.12
C ALA B 239 26.50 -27.47 15.52
N ALA B 240 26.66 -26.43 16.35
CA ALA B 240 26.31 -25.02 15.98
C ALA B 240 27.16 -24.41 14.83
N ALA B 241 26.47 -23.82 13.85
CA ALA B 241 27.18 -23.13 12.77
C ALA B 241 26.30 -21.97 12.36
N PHE B 242 26.97 -20.85 12.10
CA PHE B 242 26.26 -19.61 11.87
C PHE B 242 25.93 -19.34 10.42
N LEU B 243 24.80 -18.63 10.24
CA LEU B 243 24.38 -18.16 8.91
C LEU B 243 25.03 -16.78 8.63
N VAL B 244 26.38 -16.74 8.51
CA VAL B 244 26.98 -15.42 8.35
C VAL B 244 26.80 -14.93 6.90
N SER B 245 26.50 -15.84 5.97
CA SER B 245 26.32 -15.46 4.54
C SER B 245 25.33 -16.43 3.89
N ASN B 246 24.44 -15.92 3.05
CA ASN B 246 23.42 -16.77 2.45
C ASN B 246 22.98 -16.17 1.07
N HIS B 247 23.93 -15.64 0.31
CA HIS B 247 23.61 -15.09 -1.05
C HIS B 247 24.25 -15.94 -2.17
N ARG B 248 23.51 -16.12 -3.26
CA ARG B 248 24.08 -16.81 -4.42
C ARG B 248 24.72 -15.77 -5.32
N PRO B 249 25.89 -16.07 -5.97
CA PRO B 249 26.52 -15.09 -6.89
C PRO B 249 25.63 -14.94 -8.15
N PRO B 250 25.67 -13.79 -8.79
CA PRO B 250 24.98 -13.62 -10.07
C PRO B 250 25.38 -14.71 -11.06
N GLN B 251 24.41 -15.15 -11.87
CA GLN B 251 24.57 -16.14 -12.95
C GLN B 251 24.43 -15.42 -14.29
N PRO B 252 24.97 -15.97 -15.38
CA PRO B 252 25.01 -15.28 -16.65
C PRO B 252 23.62 -15.06 -17.25
N LEU B 253 23.44 -13.96 -17.94
CA LEU B 253 22.12 -13.60 -18.53
C LEU B 253 21.70 -14.54 -19.65
N LYS B 254 22.70 -15.04 -20.39
N LYS B 254 22.72 -15.02 -20.37
CA LYS B 254 22.44 -16.01 -21.48
CA LYS B 254 22.55 -15.95 -21.49
C LYS B 254 21.43 -15.52 -22.51
C LYS B 254 21.47 -15.53 -22.49
N GLY B 255 21.51 -14.26 -22.89
CA GLY B 255 20.55 -13.76 -23.94
C GLY B 255 19.30 -13.14 -23.40
N ARG B 256 18.99 -13.33 -22.11
CA ARG B 256 17.80 -12.62 -21.54
C ARG B 256 17.91 -11.09 -21.62
N LYS B 257 16.75 -10.44 -21.76
CA LYS B 257 16.69 -8.99 -21.69
C LYS B 257 16.06 -8.50 -20.40
N VAL B 258 16.74 -7.54 -19.80
CA VAL B 258 16.20 -6.90 -18.63
C VAL B 258 15.47 -5.64 -19.05
N ARG B 259 14.27 -5.39 -18.53
CA ARG B 259 13.49 -4.24 -18.97
C ARG B 259 13.37 -3.31 -17.76
N ALA B 260 13.22 -2.02 -18.04
CA ALA B 260 12.99 -1.02 -16.98
C ALA B 260 11.59 -0.50 -17.01
N SER B 261 11.08 -0.17 -15.84
CA SER B 261 9.77 0.36 -15.70
C SER B 261 9.80 1.90 -15.84
N PHE B 262 11.02 2.44 -15.98
CA PHE B 262 11.20 3.87 -15.85
C PHE B 262 12.19 4.31 -16.93
N HIS B 263 12.15 5.59 -17.28
CA HIS B 263 13.20 6.08 -18.17
C HIS B 263 13.81 7.32 -17.62
#